data_2DR8
#
_entry.id   2DR8
#
_cell.length_a   58.029
_cell.length_b   58.029
_cell.length_c   429.507
_cell.angle_alpha   90.00
_cell.angle_beta   90.00
_cell.angle_gamma   90.00
#
_symmetry.space_group_name_H-M   'P 43 21 2'
#
loop_
_entity.id
_entity.type
_entity.pdbx_description
1 polymer 'tRNA (33-MER)'
2 polymer 'CCA-adding enzyme'
3 non-polymer 'SULFATE ION'
4 non-polymer 'MAGNESIUM ION'
5 non-polymer "CYTIDINE-5'-TRIPHOSPHATE"
6 water water
#
loop_
_entity_poly.entity_id
_entity_poly.type
_entity_poly.pdbx_seq_one_letter_code
_entity_poly.pdbx_strand_id
1 'polyribonucleotide' GGCCCGGGGCGGUUCGAUUCCGCCCUGGGCCAC B
2 'polypeptide(L)'
;MKVEEILEKALELVIPDEEEVRKGREAEEELRRRLDELGVEYVFVGSYARNTWLKGSLEIDVFLLFPEEFSKEELRERGL
EIGKAVLDSYEIRYAEHPYVHGVVKGVEVDVVPCYKLKEPKNIKSAVDRTPFHHKWLEGRIKGKENEVRLLKGFLKANGI
YGAEYKVRGFSGYLCELLIVFYGSFLETVKNARRWTRRTVIDVAKGEVRKGEEFFVVDPVDEKRNVAANLSLDNLARFVH
LCREFMEAPSLGFFKPKHPLEIEPERLRKIVEERGTAVFAVKFRKPDIVDDNLYPQLERASRKIFEFLERENFMPLRSAF
KASEEFCYLLFECQIKEISRVFRRMGPQFEDERNVKKFLSRNRAFRPFIENGRWWAFEMRKFTTPEEGVRSYASTHWHTL
GKNVGESIREYFEIISGEKLFKEPVTAELCEMMGVKD
;
A
#
# COMPACT_ATOMS: atom_id res chain seq x y z
N MET B 1 2.16 3.10 35.09
CA MET B 1 1.95 3.47 33.66
C MET B 1 2.67 2.50 32.72
N LYS B 2 3.27 1.46 33.30
CA LYS B 2 3.98 0.47 32.50
C LYS B 2 3.04 -0.22 31.52
N VAL B 3 3.64 -0.92 30.55
CA VAL B 3 2.92 -1.65 29.52
C VAL B 3 1.53 -2.18 29.88
N GLU B 4 1.49 -3.20 30.73
CA GLU B 4 0.24 -3.83 31.14
C GLU B 4 -0.88 -2.86 31.57
N GLU B 5 -0.51 -1.68 32.04
CA GLU B 5 -1.52 -0.70 32.45
C GLU B 5 -2.07 -0.07 31.19
N ILE B 6 -1.17 0.26 30.27
CA ILE B 6 -1.51 0.87 28.99
C ILE B 6 -2.40 -0.07 28.18
N LEU B 7 -2.03 -1.34 28.15
CA LEU B 7 -2.79 -2.34 27.42
C LEU B 7 -4.22 -2.45 27.92
N GLU B 8 -4.46 -2.04 29.17
CA GLU B 8 -5.80 -2.08 29.75
C GLU B 8 -6.63 -0.92 29.17
N LYS B 9 -6.06 0.28 29.20
CA LYS B 9 -6.74 1.44 28.64
C LYS B 9 -6.98 1.17 27.16
N ALA B 10 -5.95 0.61 26.51
CA ALA B 10 -5.98 0.30 25.08
C ALA B 10 -7.17 -0.60 24.68
N LEU B 11 -7.49 -1.57 25.54
CA LEU B 11 -8.59 -2.47 25.26
C LEU B 11 -9.88 -1.70 25.03
N GLU B 12 -10.01 -0.55 25.68
CA GLU B 12 -11.20 0.27 25.54
C GLU B 12 -11.32 0.87 24.15
N LEU B 13 -10.18 1.17 23.55
CA LEU B 13 -10.16 1.75 22.22
C LEU B 13 -10.36 0.73 21.12
N VAL B 14 -10.07 -0.53 21.39
CA VAL B 14 -10.20 -1.55 20.35
C VAL B 14 -11.33 -2.55 20.50
N ILE B 15 -11.91 -2.65 21.68
CA ILE B 15 -12.99 -3.60 21.87
C ILE B 15 -14.34 -2.95 21.61
N PRO B 16 -15.16 -3.58 20.75
CA PRO B 16 -16.48 -3.01 20.46
C PRO B 16 -17.36 -3.04 21.70
N ASP B 17 -17.99 -1.91 21.98
CA ASP B 17 -18.88 -1.82 23.13
C ASP B 17 -20.16 -2.61 22.86
N GLU B 18 -20.79 -3.07 23.93
CA GLU B 18 -22.01 -3.87 23.84
C GLU B 18 -22.99 -3.43 22.76
N GLU B 19 -23.18 -2.12 22.62
CA GLU B 19 -24.10 -1.58 21.62
C GLU B 19 -23.71 -1.94 20.19
N GLU B 20 -22.42 -1.81 19.85
CA GLU B 20 -21.98 -2.13 18.50
C GLU B 20 -22.09 -3.62 18.22
N VAL B 21 -21.91 -4.43 19.25
CA VAL B 21 -22.01 -5.88 19.12
C VAL B 21 -23.44 -6.22 18.72
N ARG B 22 -24.39 -5.54 19.36
CA ARG B 22 -25.81 -5.75 19.09
C ARG B 22 -26.09 -5.58 17.61
N LYS B 23 -25.77 -4.39 17.09
CA LYS B 23 -25.98 -4.09 15.68
C LYS B 23 -25.44 -5.17 14.75
N GLY B 24 -24.24 -5.64 15.03
CA GLY B 24 -23.64 -6.68 14.20
C GLY B 24 -24.40 -7.99 14.24
N ARG B 25 -24.86 -8.37 15.43
CA ARG B 25 -25.60 -9.62 15.60
C ARG B 25 -26.95 -9.56 14.89
N GLU B 26 -27.70 -8.48 15.10
CA GLU B 26 -29.01 -8.32 14.47
C GLU B 26 -28.89 -8.36 12.95
N ALA B 27 -27.83 -7.76 12.45
CA ALA B 27 -27.60 -7.72 11.01
C ALA B 27 -27.26 -9.12 10.55
N GLU B 28 -26.47 -9.81 11.37
CA GLU B 28 -26.07 -11.17 11.07
C GLU B 28 -27.33 -12.03 10.99
N GLU B 29 -28.20 -11.87 11.97
CA GLU B 29 -29.44 -12.61 12.01
C GLU B 29 -30.28 -12.35 10.77
N GLU B 30 -30.55 -11.08 10.52
CA GLU B 30 -31.34 -10.67 9.36
C GLU B 30 -30.72 -11.18 8.06
N LEU B 31 -29.41 -10.99 7.95
CA LEU B 31 -28.67 -11.42 6.78
C LEU B 31 -28.84 -12.93 6.54
N ARG B 32 -28.84 -13.72 7.61
CA ARG B 32 -29.00 -15.17 7.48
C ARG B 32 -30.42 -15.44 6.98
N ARG B 33 -31.37 -14.77 7.60
CA ARG B 33 -32.77 -14.93 7.22
C ARG B 33 -32.95 -14.71 5.72
N ARG B 34 -32.44 -13.59 5.21
CA ARG B 34 -32.55 -13.26 3.78
C ARG B 34 -31.92 -14.34 2.92
N LEU B 35 -30.74 -14.81 3.36
CA LEU B 35 -30.03 -15.85 2.66
C LEU B 35 -30.82 -17.15 2.75
N ASP B 36 -31.52 -17.33 3.87
CA ASP B 36 -32.35 -18.53 4.10
C ASP B 36 -33.75 -18.23 3.57
N GLU B 37 -33.87 -18.23 2.25
CA GLU B 37 -35.15 -17.98 1.60
C GLU B 37 -34.84 -18.22 0.14
N LEU B 38 -33.62 -17.90 -0.22
CA LEU B 38 -33.15 -18.07 -1.58
C LEU B 38 -32.44 -19.41 -1.66
N GLY B 39 -32.27 -20.06 -0.51
CA GLY B 39 -31.55 -21.31 -0.49
C GLY B 39 -30.13 -20.77 -0.57
N VAL B 40 -29.26 -21.40 -1.36
CA VAL B 40 -27.89 -20.89 -1.49
C VAL B 40 -27.01 -21.18 -0.28
N GLU B 41 -25.83 -21.71 -0.55
CA GLU B 41 -24.88 -22.04 0.50
C GLU B 41 -23.99 -20.84 0.83
N TYR B 42 -23.70 -20.67 2.12
CA TYR B 42 -22.86 -19.56 2.51
C TYR B 42 -22.12 -19.83 3.81
N VAL B 43 -21.04 -19.09 4.00
CA VAL B 43 -20.26 -19.21 5.20
C VAL B 43 -19.70 -17.85 5.60
N PHE B 44 -20.00 -17.43 6.83
CA PHE B 44 -19.50 -16.17 7.34
C PHE B 44 -18.02 -16.37 7.71
N VAL B 45 -17.14 -15.53 7.18
CA VAL B 45 -15.71 -15.61 7.48
C VAL B 45 -15.21 -14.26 7.97
N GLY B 46 -13.90 -14.08 7.94
CA GLY B 46 -13.31 -12.83 8.37
C GLY B 46 -13.50 -12.51 9.84
N SER B 47 -13.11 -11.29 10.22
CA SER B 47 -13.18 -10.81 11.60
C SER B 47 -14.53 -10.75 12.29
N TYR B 48 -15.64 -10.71 11.56
CA TYR B 48 -16.90 -10.67 12.26
C TYR B 48 -17.22 -12.06 12.79
N ALA B 49 -17.02 -13.06 11.94
CA ALA B 49 -17.27 -14.45 12.31
C ALA B 49 -16.34 -14.94 13.42
N ARG B 50 -15.15 -14.36 13.52
CA ARG B 50 -14.22 -14.79 14.57
C ARG B 50 -14.21 -13.85 15.75
N ASN B 51 -15.08 -12.85 15.71
CA ASN B 51 -15.18 -11.87 16.78
C ASN B 51 -13.83 -11.24 17.10
N THR B 52 -13.14 -10.80 16.05
CA THR B 52 -11.82 -10.16 16.19
C THR B 52 -11.80 -8.83 15.42
N TRP B 53 -12.96 -8.29 15.09
CA TRP B 53 -13.03 -7.04 14.35
C TRP B 53 -12.73 -5.86 15.26
N LEU B 54 -12.09 -4.84 14.68
CA LEU B 54 -11.70 -3.64 15.41
C LEU B 54 -12.89 -2.71 15.69
N LYS B 55 -12.89 -2.12 16.88
CA LYS B 55 -13.94 -1.22 17.34
C LYS B 55 -14.23 -0.14 16.30
N GLY B 56 -15.49 -0.02 15.92
CA GLY B 56 -15.87 0.97 14.94
C GLY B 56 -15.50 0.60 13.51
N SER B 57 -15.27 -0.69 13.25
CA SER B 57 -14.92 -1.15 11.91
C SER B 57 -15.67 -2.42 11.55
N LEU B 58 -16.89 -2.52 12.07
CA LEU B 58 -17.75 -3.68 11.84
C LEU B 58 -18.15 -3.87 10.38
N GLU B 59 -17.69 -4.97 9.81
CA GLU B 59 -17.99 -5.32 8.43
C GLU B 59 -18.10 -6.84 8.33
N ILE B 60 -19.30 -7.32 8.04
CA ILE B 60 -19.56 -8.75 7.93
C ILE B 60 -19.16 -9.31 6.56
N ASP B 61 -18.44 -10.43 6.58
CA ASP B 61 -18.00 -11.07 5.33
C ASP B 61 -18.73 -12.37 5.10
N VAL B 62 -19.55 -12.41 4.06
CA VAL B 62 -20.29 -13.60 3.71
C VAL B 62 -19.69 -14.15 2.42
N PHE B 63 -19.27 -15.41 2.44
CA PHE B 63 -18.71 -16.04 1.27
C PHE B 63 -19.69 -17.06 0.71
N LEU B 64 -20.07 -16.88 -0.54
CA LEU B 64 -21.01 -17.78 -1.21
C LEU B 64 -20.24 -18.96 -1.79
N LEU B 65 -20.57 -20.17 -1.32
CA LEU B 65 -19.93 -21.38 -1.77
C LEU B 65 -20.61 -21.96 -3.01
N PHE B 66 -19.85 -22.02 -4.11
CA PHE B 66 -20.32 -22.53 -5.39
C PHE B 66 -19.63 -23.83 -5.77
N PRO B 67 -20.31 -24.68 -6.56
CA PRO B 67 -19.73 -25.95 -6.98
C PRO B 67 -18.51 -25.75 -7.87
N GLU B 68 -17.43 -26.47 -7.58
CA GLU B 68 -16.20 -26.34 -8.35
C GLU B 68 -16.40 -26.27 -9.86
N GLU B 69 -17.29 -27.10 -10.39
CA GLU B 69 -17.54 -27.15 -11.84
C GLU B 69 -17.98 -25.85 -12.48
N PHE B 70 -18.74 -25.03 -11.76
CA PHE B 70 -19.21 -23.75 -12.29
C PHE B 70 -18.10 -22.91 -12.93
N SER B 71 -18.50 -22.14 -13.95
CA SER B 71 -17.59 -21.28 -14.67
C SER B 71 -17.39 -19.98 -13.88
N LYS B 72 -16.26 -19.34 -14.13
CA LYS B 72 -15.94 -18.09 -13.46
C LYS B 72 -17.08 -17.09 -13.67
N GLU B 73 -17.61 -17.07 -14.89
CA GLU B 73 -18.68 -16.16 -15.27
C GLU B 73 -19.96 -16.41 -14.50
N GLU B 74 -20.28 -17.69 -14.26
CA GLU B 74 -21.48 -18.02 -13.53
C GLU B 74 -21.32 -17.47 -12.13
N LEU B 75 -20.11 -17.60 -11.60
CA LEU B 75 -19.83 -17.13 -10.25
C LEU B 75 -20.23 -15.68 -10.04
N ARG B 76 -19.67 -14.77 -10.84
CA ARG B 76 -20.00 -13.35 -10.70
C ARG B 76 -21.47 -13.04 -10.92
N GLU B 77 -22.05 -13.65 -11.96
CA GLU B 77 -23.45 -13.43 -12.27
C GLU B 77 -24.35 -13.83 -11.10
N ARG B 78 -24.20 -15.05 -10.60
CA ARG B 78 -25.02 -15.50 -9.46
C ARG B 78 -24.70 -14.73 -8.18
N GLY B 79 -23.42 -14.50 -7.91
CA GLY B 79 -23.03 -13.77 -6.73
C GLY B 79 -23.59 -12.36 -6.77
N LEU B 80 -23.53 -11.74 -7.94
CA LEU B 80 -24.04 -10.39 -8.13
C LEU B 80 -25.52 -10.37 -7.77
N GLU B 81 -26.28 -11.22 -8.42
CA GLU B 81 -27.73 -11.31 -8.20
C GLU B 81 -28.05 -11.58 -6.74
N ILE B 82 -27.36 -12.56 -6.15
CA ILE B 82 -27.59 -12.90 -4.75
C ILE B 82 -27.20 -11.71 -3.87
N GLY B 83 -26.09 -11.07 -4.21
CA GLY B 83 -25.64 -9.94 -3.43
C GLY B 83 -26.68 -8.84 -3.41
N LYS B 84 -27.15 -8.48 -4.60
CA LYS B 84 -28.12 -7.43 -4.78
C LYS B 84 -29.45 -7.65 -4.06
N ALA B 85 -30.00 -8.86 -4.18
CA ALA B 85 -31.29 -9.20 -3.56
C ALA B 85 -31.22 -9.36 -2.04
N VAL B 86 -30.00 -9.36 -1.52
CA VAL B 86 -29.77 -9.55 -0.09
C VAL B 86 -29.44 -8.27 0.70
N LEU B 87 -28.97 -7.24 0.01
CA LEU B 87 -28.58 -6.01 0.68
C LEU B 87 -29.57 -4.86 0.56
N ASP B 88 -29.67 -4.04 1.60
CA ASP B 88 -30.58 -2.90 1.54
C ASP B 88 -30.14 -2.00 0.38
N SER B 89 -28.92 -1.51 0.47
CA SER B 89 -28.33 -0.67 -0.58
C SER B 89 -27.04 -1.37 -0.94
N TYR B 90 -26.72 -1.44 -2.22
CA TYR B 90 -25.51 -2.13 -2.64
C TYR B 90 -24.60 -1.31 -3.54
N GLU B 91 -23.53 -1.94 -3.99
CA GLU B 91 -22.54 -1.30 -4.84
C GLU B 91 -21.57 -2.32 -5.38
N ILE B 92 -21.50 -2.45 -6.70
CA ILE B 92 -20.57 -3.39 -7.30
C ILE B 92 -19.39 -2.58 -7.82
N ARG B 93 -18.18 -3.03 -7.50
CA ARG B 93 -16.97 -2.36 -7.97
C ARG B 93 -15.76 -3.24 -7.67
N TYR B 94 -15.76 -4.42 -8.28
CA TYR B 94 -14.70 -5.41 -8.15
C TYR B 94 -13.41 -4.84 -8.73
N ALA B 95 -12.32 -5.57 -8.57
CA ALA B 95 -11.03 -5.14 -9.10
C ALA B 95 -10.53 -6.21 -10.07
N GLU B 96 -10.83 -7.46 -9.71
CA GLU B 96 -10.46 -8.63 -10.49
C GLU B 96 -11.42 -9.73 -10.10
N HIS B 97 -11.57 -9.94 -8.80
CA HIS B 97 -12.50 -10.93 -8.30
C HIS B 97 -13.73 -10.17 -7.85
N PRO B 98 -14.82 -10.29 -8.59
CA PRO B 98 -16.10 -9.62 -8.33
C PRO B 98 -16.67 -9.92 -6.97
N TYR B 99 -17.46 -8.99 -6.46
CA TYR B 99 -18.09 -9.17 -5.17
C TYR B 99 -18.99 -7.96 -4.96
N VAL B 100 -19.93 -8.06 -4.03
CA VAL B 100 -20.87 -6.97 -3.79
C VAL B 100 -20.78 -6.42 -2.37
N HIS B 101 -20.74 -5.12 -2.23
CA HIS B 101 -20.67 -4.50 -0.91
C HIS B 101 -22.02 -3.85 -0.66
N GLY B 102 -22.40 -3.72 0.61
CA GLY B 102 -23.67 -3.09 0.91
C GLY B 102 -23.89 -2.82 2.39
N VAL B 103 -25.14 -2.61 2.76
CA VAL B 103 -25.49 -2.34 4.16
C VAL B 103 -26.76 -3.10 4.50
N VAL B 104 -26.74 -3.78 5.63
CA VAL B 104 -27.90 -4.53 6.12
C VAL B 104 -28.15 -3.96 7.51
N LYS B 105 -29.37 -3.50 7.75
CA LYS B 105 -29.71 -2.92 9.04
C LYS B 105 -28.55 -2.05 9.55
N GLY B 106 -28.03 -1.18 8.69
CA GLY B 106 -26.97 -0.28 9.09
C GLY B 106 -25.52 -0.77 9.15
N VAL B 107 -25.28 -2.04 8.89
CA VAL B 107 -23.92 -2.52 8.96
C VAL B 107 -23.37 -2.84 7.58
N GLU B 108 -22.07 -2.62 7.40
CA GLU B 108 -21.42 -2.88 6.12
C GLU B 108 -21.31 -4.39 5.92
N VAL B 109 -21.53 -4.84 4.69
CA VAL B 109 -21.46 -6.28 4.39
C VAL B 109 -20.75 -6.55 3.06
N ASP B 110 -20.02 -7.64 2.97
CA ASP B 110 -19.30 -8.01 1.75
C ASP B 110 -19.73 -9.38 1.28
N VAL B 111 -20.51 -9.44 0.21
CA VAL B 111 -20.94 -10.71 -0.31
C VAL B 111 -19.95 -11.05 -1.37
N VAL B 112 -19.18 -12.11 -1.15
CA VAL B 112 -18.14 -12.54 -2.06
C VAL B 112 -18.36 -13.98 -2.55
N PRO B 113 -18.27 -14.20 -3.87
CA PRO B 113 -18.47 -15.54 -4.43
C PRO B 113 -17.14 -16.24 -4.33
N CYS B 114 -17.15 -17.58 -4.36
CA CYS B 114 -15.93 -18.36 -4.29
C CYS B 114 -16.32 -19.81 -4.50
N TYR B 115 -15.39 -20.62 -4.98
CA TYR B 115 -15.69 -22.03 -5.19
C TYR B 115 -15.58 -22.79 -3.88
N LYS B 116 -16.42 -23.79 -3.73
CA LYS B 116 -16.43 -24.63 -2.54
C LYS B 116 -15.58 -25.86 -2.82
N LEU B 117 -14.43 -25.97 -2.17
CA LEU B 117 -13.59 -27.13 -2.39
C LEU B 117 -13.27 -27.88 -1.10
N LYS B 118 -12.51 -28.94 -1.26
CA LYS B 118 -12.03 -29.76 -0.16
C LYS B 118 -10.53 -29.65 -0.39
N GLU B 119 -9.75 -29.51 0.67
CA GLU B 119 -8.30 -29.35 0.49
C GLU B 119 -8.05 -28.03 -0.24
N PRO B 120 -7.34 -27.10 0.41
CA PRO B 120 -7.06 -25.80 -0.21
C PRO B 120 -5.94 -25.94 -1.25
N LYS B 121 -6.19 -26.75 -2.28
CA LYS B 121 -5.22 -26.97 -3.32
C LYS B 121 -5.79 -26.68 -4.71
N ASN B 122 -4.91 -26.29 -5.63
CA ASN B 122 -5.31 -25.98 -7.00
C ASN B 122 -6.48 -25.02 -7.02
N ILE B 123 -6.45 -24.05 -6.12
CA ILE B 123 -7.47 -23.04 -5.99
C ILE B 123 -7.99 -22.54 -7.34
N LYS B 124 -9.31 -22.59 -7.54
CA LYS B 124 -9.94 -22.16 -8.79
C LYS B 124 -10.09 -20.64 -8.92
N SER B 125 -10.67 -20.00 -7.89
CA SER B 125 -10.83 -18.54 -7.87
C SER B 125 -9.81 -18.04 -6.86
N ALA B 126 -9.41 -16.78 -7.00
CA ALA B 126 -8.39 -16.20 -6.12
C ALA B 126 -8.65 -16.20 -4.61
N VAL B 127 -9.91 -16.34 -4.20
CA VAL B 127 -10.23 -16.29 -2.77
C VAL B 127 -10.66 -17.60 -2.13
N ASP B 128 -10.51 -18.71 -2.86
CA ASP B 128 -10.93 -20.02 -2.37
C ASP B 128 -10.34 -20.50 -1.04
N ARG B 129 -9.08 -20.17 -0.76
CA ARG B 129 -8.53 -20.67 0.50
C ARG B 129 -8.97 -19.85 1.72
N THR B 130 -9.83 -18.87 1.50
CA THR B 130 -10.30 -18.03 2.60
C THR B 130 -11.20 -18.76 3.58
N PRO B 131 -12.13 -19.59 3.07
CA PRO B 131 -12.99 -20.30 4.01
C PRO B 131 -12.16 -21.26 4.88
N PHE B 132 -11.10 -21.82 4.32
CA PHE B 132 -10.23 -22.71 5.06
C PHE B 132 -9.44 -21.96 6.14
N HIS B 133 -9.22 -20.68 5.91
CA HIS B 133 -8.51 -19.87 6.89
C HIS B 133 -9.43 -19.77 8.10
N HIS B 134 -10.72 -19.70 7.84
CA HIS B 134 -11.70 -19.59 8.91
C HIS B 134 -11.79 -20.87 9.74
N LYS B 135 -11.69 -22.02 9.07
CA LYS B 135 -11.74 -23.29 9.79
C LYS B 135 -10.52 -23.38 10.68
N TRP B 136 -9.35 -23.21 10.08
CA TRP B 136 -8.10 -23.29 10.83
C TRP B 136 -8.03 -22.36 12.03
N LEU B 137 -8.62 -21.18 11.94
CA LEU B 137 -8.61 -20.22 13.05
C LEU B 137 -9.69 -20.48 14.08
N GLU B 138 -10.81 -21.03 13.65
CA GLU B 138 -11.94 -21.32 14.52
C GLU B 138 -11.61 -21.72 15.96
N GLY B 139 -10.96 -22.86 16.11
CA GLY B 139 -10.63 -23.32 17.45
C GLY B 139 -9.30 -22.92 18.07
N ARG B 140 -8.53 -22.06 17.41
CA ARG B 140 -7.24 -21.65 17.94
C ARG B 140 -7.16 -20.21 18.38
N ILE B 141 -8.08 -19.38 17.91
CA ILE B 141 -8.04 -17.97 18.29
C ILE B 141 -9.00 -17.68 19.45
N LYS B 142 -9.90 -18.63 19.68
CA LYS B 142 -10.89 -18.54 20.74
C LYS B 142 -10.19 -18.13 22.05
N GLY B 143 -10.64 -17.03 22.64
CA GLY B 143 -10.04 -16.56 23.89
C GLY B 143 -8.92 -15.54 23.74
N LYS B 144 -8.45 -15.31 22.51
CA LYS B 144 -7.38 -14.35 22.30
C LYS B 144 -7.79 -13.28 21.29
N GLU B 145 -9.09 -13.23 21.00
CA GLU B 145 -9.63 -12.27 20.06
C GLU B 145 -9.31 -10.83 20.48
N ASN B 146 -9.14 -10.61 21.78
CA ASN B 146 -8.82 -9.29 22.30
C ASN B 146 -7.35 -9.00 22.03
N GLU B 147 -6.52 -10.03 22.02
CA GLU B 147 -5.10 -9.82 21.76
C GLU B 147 -4.97 -9.45 20.30
N VAL B 148 -5.85 -10.00 19.48
CA VAL B 148 -5.85 -9.71 18.06
C VAL B 148 -6.20 -8.25 17.86
N ARG B 149 -7.26 -7.82 18.53
CA ARG B 149 -7.74 -6.45 18.42
C ARG B 149 -6.70 -5.40 18.79
N LEU B 150 -5.87 -5.72 19.78
CA LEU B 150 -4.82 -4.79 20.19
C LEU B 150 -3.83 -4.66 19.05
N LEU B 151 -3.46 -5.77 18.43
CA LEU B 151 -2.50 -5.73 17.34
C LEU B 151 -3.03 -4.96 16.14
N LYS B 152 -4.28 -5.21 15.79
CA LYS B 152 -4.90 -4.51 14.67
C LYS B 152 -4.91 -3.00 14.96
N GLY B 153 -5.34 -2.65 16.17
CA GLY B 153 -5.40 -1.25 16.56
C GLY B 153 -4.07 -0.54 16.56
N PHE B 154 -3.01 -1.31 16.84
CA PHE B 154 -1.66 -0.80 16.89
C PHE B 154 -1.25 -0.43 15.47
N LEU B 155 -1.41 -1.39 14.57
CA LEU B 155 -1.06 -1.20 13.18
C LEU B 155 -1.93 -0.13 12.53
N LYS B 156 -3.21 -0.14 12.87
CA LYS B 156 -4.14 0.82 12.28
C LYS B 156 -3.72 2.26 12.59
N ALA B 157 -3.51 2.55 13.87
CA ALA B 157 -3.12 3.88 14.32
C ALA B 157 -1.80 4.37 13.72
N ASN B 158 -1.00 3.44 13.22
CA ASN B 158 0.29 3.81 12.65
C ASN B 158 0.35 3.68 11.14
N GLY B 159 -0.82 3.50 10.54
CA GLY B 159 -0.93 3.43 9.10
C GLY B 159 -0.41 2.24 8.32
N ILE B 160 -0.14 1.14 8.99
CA ILE B 160 0.36 -0.03 8.28
C ILE B 160 -0.56 -1.21 8.42
N TYR B 161 -1.82 -0.94 8.74
CA TYR B 161 -2.72 -2.05 8.91
C TYR B 161 -3.01 -2.83 7.63
N GLY B 162 -4.03 -2.50 6.86
CA GLY B 162 -4.34 -3.30 5.69
C GLY B 162 -3.31 -3.87 4.70
N ALA B 163 -3.74 -4.81 3.86
CA ALA B 163 -2.85 -5.41 2.86
C ALA B 163 -3.21 -4.95 1.42
N GLU B 164 -4.19 -4.06 1.30
CA GLU B 164 -4.54 -3.58 -0.03
C GLU B 164 -3.29 -2.82 -0.52
N TYR B 165 -3.21 -2.57 -1.82
CA TYR B 165 -2.03 -1.88 -2.32
C TYR B 165 -1.89 -0.46 -1.83
N LYS B 166 -2.95 0.13 -1.35
CA LYS B 166 -2.84 1.49 -0.85
C LYS B 166 -1.96 1.50 0.38
N VAL B 167 -2.07 0.44 1.18
CA VAL B 167 -1.31 0.35 2.41
C VAL B 167 -0.08 -0.53 2.33
N ARG B 168 -0.21 -1.70 1.71
CA ARG B 168 0.91 -2.62 1.63
C ARG B 168 1.39 -2.94 3.07
N GLY B 169 0.44 -3.11 3.97
CA GLY B 169 0.76 -3.41 5.36
C GLY B 169 0.39 -4.81 5.82
N PHE B 170 -0.08 -4.92 7.06
CA PHE B 170 -0.46 -6.20 7.64
C PHE B 170 -1.95 -6.55 7.49
N SER B 171 -2.26 -7.70 6.89
CA SER B 171 -3.64 -8.13 6.74
C SER B 171 -4.18 -8.52 8.11
N GLY B 172 -5.50 -8.67 8.20
CA GLY B 172 -6.10 -9.05 9.46
C GLY B 172 -5.70 -10.47 9.78
N TYR B 173 -5.86 -11.35 8.80
CA TYR B 173 -5.50 -12.75 8.94
C TYR B 173 -4.06 -12.83 9.46
N LEU B 174 -3.14 -12.11 8.83
CA LEU B 174 -1.75 -12.14 9.28
C LEU B 174 -1.70 -11.87 10.78
N CYS B 175 -2.45 -10.86 11.22
CA CYS B 175 -2.53 -10.49 12.62
C CYS B 175 -2.98 -11.65 13.50
N GLU B 176 -4.05 -12.31 13.07
CA GLU B 176 -4.57 -13.45 13.81
C GLU B 176 -3.49 -14.54 13.90
N LEU B 177 -2.83 -14.82 12.78
CA LEU B 177 -1.78 -15.84 12.73
C LEU B 177 -0.63 -15.52 13.69
N LEU B 178 -0.40 -14.24 13.94
CA LEU B 178 0.68 -13.84 14.82
C LEU B 178 0.30 -14.01 16.29
N ILE B 179 -1.00 -13.94 16.57
CA ILE B 179 -1.46 -14.09 17.94
C ILE B 179 -1.42 -15.57 18.30
N VAL B 180 -1.68 -16.41 17.31
CA VAL B 180 -1.66 -17.84 17.51
C VAL B 180 -0.22 -18.30 17.65
N PHE B 181 0.71 -17.54 17.09
CA PHE B 181 2.12 -17.91 17.17
C PHE B 181 2.75 -17.48 18.49
N TYR B 182 2.73 -16.19 18.76
CA TYR B 182 3.32 -15.67 19.99
C TYR B 182 2.41 -15.73 21.23
N GLY B 183 1.10 -15.88 21.02
CA GLY B 183 0.22 -15.99 22.16
C GLY B 183 -0.48 -14.72 22.62
N SER B 184 0.10 -13.57 22.32
CA SER B 184 -0.52 -12.31 22.72
C SER B 184 0.13 -11.14 21.99
N PHE B 185 -0.50 -9.98 22.10
CA PHE B 185 0.01 -8.76 21.46
C PHE B 185 1.38 -8.43 22.02
N LEU B 186 1.50 -8.51 23.35
CA LEU B 186 2.75 -8.18 24.01
C LEU B 186 3.90 -9.05 23.52
N GLU B 187 3.67 -10.34 23.37
CA GLU B 187 4.75 -11.22 22.91
C GLU B 187 5.15 -10.95 21.48
N THR B 188 4.15 -10.69 20.64
CA THR B 188 4.38 -10.38 19.23
C THR B 188 5.27 -9.15 19.16
N VAL B 189 4.85 -8.10 19.85
CA VAL B 189 5.61 -6.87 19.86
C VAL B 189 7.02 -7.09 20.37
N LYS B 190 7.17 -7.84 21.47
CA LYS B 190 8.49 -8.11 22.02
C LYS B 190 9.42 -8.84 21.04
N ASN B 191 8.91 -9.87 20.39
CA ASN B 191 9.69 -10.65 19.43
C ASN B 191 9.93 -9.95 18.09
N ALA B 192 8.93 -9.24 17.58
CA ALA B 192 9.06 -8.54 16.31
C ALA B 192 10.21 -7.54 16.33
N ARG B 193 10.71 -7.21 17.51
CA ARG B 193 11.84 -6.28 17.65
C ARG B 193 13.10 -6.88 17.03
N ARG B 194 13.12 -8.21 16.93
CA ARG B 194 14.27 -8.91 16.37
C ARG B 194 14.04 -9.46 14.98
N TRP B 195 12.91 -9.11 14.36
CA TRP B 195 12.62 -9.57 13.00
C TRP B 195 13.60 -8.94 12.01
N THR B 196 13.84 -9.65 10.91
CA THR B 196 14.75 -9.14 9.89
C THR B 196 14.01 -9.31 8.59
N ARG B 197 14.64 -8.91 7.50
CA ARG B 197 14.01 -9.04 6.20
C ARG B 197 14.09 -10.45 5.66
N ARG B 198 14.78 -11.34 6.39
CA ARG B 198 14.90 -12.74 5.96
C ARG B 198 14.09 -13.66 6.88
N THR B 199 13.41 -13.06 7.86
CA THR B 199 12.61 -13.81 8.81
C THR B 199 11.43 -14.57 8.23
N VAL B 200 11.37 -15.86 8.55
CA VAL B 200 10.30 -16.75 8.10
C VAL B 200 9.55 -17.25 9.34
N ILE B 201 8.24 -16.97 9.40
CA ILE B 201 7.42 -17.40 10.51
C ILE B 201 6.45 -18.45 10.01
N ASP B 202 6.61 -19.68 10.51
CA ASP B 202 5.77 -20.81 10.11
C ASP B 202 4.95 -21.33 11.30
N VAL B 203 3.70 -20.89 11.41
CA VAL B 203 2.84 -21.28 12.51
C VAL B 203 2.47 -22.75 12.53
N ALA B 204 2.28 -23.35 11.37
CA ALA B 204 1.90 -24.77 11.36
C ALA B 204 2.99 -25.64 12.00
N LYS B 205 4.25 -25.21 11.88
CA LYS B 205 5.36 -25.96 12.45
C LYS B 205 5.90 -25.31 13.72
N GLY B 206 5.21 -24.27 14.19
CA GLY B 206 5.63 -23.56 15.39
C GLY B 206 7.08 -23.13 15.32
N GLU B 207 7.53 -22.88 14.10
CA GLU B 207 8.92 -22.52 13.84
C GLU B 207 9.22 -21.11 13.30
N VAL B 208 10.46 -20.70 13.47
CA VAL B 208 10.94 -19.41 12.98
C VAL B 208 12.33 -19.69 12.43
N ARG B 209 12.46 -19.61 11.12
CA ARG B 209 13.73 -19.85 10.45
C ARG B 209 14.15 -18.64 9.62
N LYS B 210 15.34 -18.69 9.04
CA LYS B 210 15.86 -17.60 8.22
C LYS B 210 15.69 -17.98 6.76
N GLY B 211 15.05 -17.11 5.98
CA GLY B 211 14.82 -17.38 4.56
C GLY B 211 15.35 -16.30 3.64
N GLU B 212 14.85 -16.26 2.41
CA GLU B 212 15.31 -15.28 1.43
C GLU B 212 14.57 -13.95 1.56
N GLU B 213 13.46 -13.93 2.28
CA GLU B 213 12.70 -12.71 2.45
C GLU B 213 11.62 -12.94 3.50
N PHE B 214 11.08 -11.85 4.04
CA PHE B 214 10.04 -11.96 5.07
C PHE B 214 8.91 -12.86 4.60
N PHE B 215 8.72 -13.96 5.32
CA PHE B 215 7.71 -14.93 4.93
C PHE B 215 6.93 -15.47 6.13
N VAL B 216 5.61 -15.45 6.01
CA VAL B 216 4.74 -15.96 7.05
C VAL B 216 3.89 -17.02 6.36
N VAL B 217 4.35 -18.26 6.42
CA VAL B 217 3.66 -19.35 5.76
C VAL B 217 2.24 -19.60 6.29
N ASP B 218 1.34 -19.80 5.34
CA ASP B 218 -0.08 -20.06 5.59
C ASP B 218 -0.25 -21.51 6.06
N PRO B 219 -0.87 -21.74 7.23
CA PRO B 219 -1.10 -23.09 7.76
C PRO B 219 -1.82 -23.94 6.74
N VAL B 220 -2.78 -23.30 6.07
CA VAL B 220 -3.61 -23.88 5.05
C VAL B 220 -2.84 -24.26 3.77
N ASP B 221 -1.83 -23.48 3.42
CA ASP B 221 -1.05 -23.73 2.20
C ASP B 221 0.35 -23.15 2.39
N GLU B 222 1.26 -24.01 2.83
CA GLU B 222 2.65 -23.63 3.11
C GLU B 222 3.43 -22.97 1.97
N LYS B 223 2.80 -22.79 0.82
CA LYS B 223 3.50 -22.17 -0.30
C LYS B 223 3.08 -20.72 -0.50
N ARG B 224 2.05 -20.29 0.24
CA ARG B 224 1.55 -18.92 0.13
C ARG B 224 2.07 -18.06 1.28
N ASN B 225 2.67 -16.92 0.93
CA ASN B 225 3.18 -16.00 1.93
C ASN B 225 2.06 -15.07 2.35
N VAL B 226 1.56 -15.25 3.56
CA VAL B 226 0.48 -14.43 4.10
C VAL B 226 0.85 -12.95 4.17
N ALA B 227 2.14 -12.66 4.27
CA ALA B 227 2.66 -11.29 4.34
C ALA B 227 3.29 -10.90 3.01
N ALA B 228 2.79 -11.47 1.93
CA ALA B 228 3.33 -11.20 0.61
C ALA B 228 3.28 -9.71 0.23
N ASN B 229 2.18 -9.03 0.53
CA ASN B 229 2.06 -7.62 0.14
C ASN B 229 2.56 -6.63 1.18
N LEU B 230 3.16 -7.15 2.25
CA LEU B 230 3.70 -6.27 3.29
C LEU B 230 5.02 -5.77 2.71
N SER B 231 5.10 -4.48 2.44
CA SER B 231 6.34 -3.93 1.86
C SER B 231 7.48 -3.97 2.86
N LEU B 232 8.69 -3.87 2.36
CA LEU B 232 9.88 -3.88 3.20
C LEU B 232 9.94 -2.70 4.17
N ASP B 233 9.68 -1.51 3.67
CA ASP B 233 9.73 -0.33 4.52
C ASP B 233 8.71 -0.39 5.65
N ASN B 234 7.53 -0.90 5.35
CA ASN B 234 6.48 -1.02 6.34
C ASN B 234 6.80 -2.10 7.36
N LEU B 235 7.52 -3.14 6.93
CA LEU B 235 7.94 -4.20 7.85
C LEU B 235 8.92 -3.50 8.79
N ALA B 236 9.76 -2.66 8.22
CA ALA B 236 10.75 -1.93 8.97
C ALA B 236 10.12 -0.91 9.92
N ARG B 237 8.99 -0.33 9.54
CA ARG B 237 8.38 0.65 10.41
C ARG B 237 7.75 -0.01 11.63
N PHE B 238 7.23 -1.20 11.44
CA PHE B 238 6.61 -1.95 12.52
C PHE B 238 7.67 -2.38 13.54
N VAL B 239 8.77 -2.94 13.04
CA VAL B 239 9.85 -3.37 13.92
C VAL B 239 10.31 -2.18 14.76
N HIS B 240 10.52 -1.02 14.13
CA HIS B 240 10.96 0.16 14.85
C HIS B 240 9.89 0.60 15.85
N LEU B 241 8.63 0.49 15.44
CA LEU B 241 7.52 0.86 16.29
C LEU B 241 7.53 -0.02 17.55
N CYS B 242 7.74 -1.33 17.37
CA CYS B 242 7.77 -2.26 18.49
C CYS B 242 8.90 -1.92 19.45
N ARG B 243 10.05 -1.52 18.90
CA ARG B 243 11.17 -1.15 19.74
C ARG B 243 10.76 0.04 20.59
N GLU B 244 10.35 1.12 19.94
CA GLU B 244 9.92 2.33 20.64
C GLU B 244 8.87 2.08 21.72
N PHE B 245 7.87 1.28 21.39
CA PHE B 245 6.79 0.98 22.33
C PHE B 245 7.29 0.33 23.60
N MET B 246 8.25 -0.57 23.47
CA MET B 246 8.79 -1.26 24.63
C MET B 246 9.63 -0.32 25.48
N GLU B 247 10.33 0.63 24.87
CA GLU B 247 11.14 1.56 25.63
C GLU B 247 10.27 2.55 26.36
N ALA B 248 9.41 3.22 25.62
CA ALA B 248 8.51 4.21 26.19
C ALA B 248 7.07 3.88 25.81
N PRO B 249 6.49 2.87 26.46
CA PRO B 249 5.10 2.49 26.17
C PRO B 249 4.22 3.73 26.18
N SER B 250 3.06 3.65 25.55
CA SER B 250 2.17 4.81 25.53
C SER B 250 0.86 4.50 24.82
N LEU B 251 -0.22 5.07 25.32
CA LEU B 251 -1.54 4.87 24.74
C LEU B 251 -1.54 5.55 23.36
N GLY B 252 -0.56 6.42 23.16
CA GLY B 252 -0.44 7.14 21.91
C GLY B 252 -0.24 6.21 20.74
N PHE B 253 0.44 5.09 20.96
CA PHE B 253 0.68 4.13 19.90
C PHE B 253 -0.62 3.49 19.40
N PHE B 254 -1.73 3.75 20.08
CA PHE B 254 -3.00 3.17 19.65
C PHE B 254 -3.98 4.23 19.19
N LYS B 255 -3.55 5.48 19.23
CA LYS B 255 -4.42 6.57 18.81
C LYS B 255 -3.95 7.13 17.47
N PRO B 256 -4.88 7.28 16.53
CA PRO B 256 -4.59 7.82 15.19
C PRO B 256 -3.94 9.20 15.26
N LYS B 257 -2.94 9.41 14.42
CA LYS B 257 -2.24 10.69 14.36
C LYS B 257 -3.00 11.58 13.38
N HIS B 258 -3.48 12.73 13.85
CA HIS B 258 -4.24 13.64 12.99
C HIS B 258 -3.37 14.18 11.85
N PRO B 259 -3.98 14.44 10.68
CA PRO B 259 -3.23 14.97 9.54
C PRO B 259 -2.38 16.17 9.95
N LEU B 260 -2.75 16.76 11.08
CA LEU B 260 -2.03 17.91 11.64
C LEU B 260 -1.65 18.95 10.58
N GLU B 261 -2.57 19.88 10.34
CA GLU B 261 -2.39 20.95 9.35
C GLU B 261 -1.16 21.81 9.54
N ILE B 262 -0.91 22.64 8.52
CA ILE B 262 0.22 23.55 8.49
C ILE B 262 -0.19 24.64 7.50
N GLU B 263 0.12 25.89 7.80
CA GLU B 263 -0.21 26.96 6.89
C GLU B 263 0.66 26.85 5.65
N PRO B 264 0.05 26.90 4.46
CA PRO B 264 0.82 26.80 3.22
C PRO B 264 1.89 27.88 3.17
N GLU B 265 1.88 28.74 4.19
CA GLU B 265 2.84 29.81 4.29
C GLU B 265 4.07 29.28 5.02
N ARG B 266 3.85 28.40 5.98
CA ARG B 266 4.93 27.80 6.76
C ARG B 266 5.63 26.77 5.85
N LEU B 267 4.83 26.19 4.96
CA LEU B 267 5.33 25.20 4.03
C LEU B 267 6.25 25.90 3.03
N ARG B 268 5.87 27.11 2.60
CA ARG B 268 6.67 27.86 1.65
C ARG B 268 8.02 28.27 2.26
N LYS B 269 7.99 28.66 3.53
CA LYS B 269 9.22 29.07 4.22
C LYS B 269 10.13 27.88 4.46
N ILE B 270 9.56 26.69 4.58
CA ILE B 270 10.36 25.50 4.78
C ILE B 270 11.07 25.14 3.48
N VAL B 271 10.33 25.17 2.38
CA VAL B 271 10.90 24.86 1.09
C VAL B 271 12.04 25.83 0.77
N GLU B 272 11.86 27.10 1.13
CA GLU B 272 12.90 28.08 0.86
C GLU B 272 14.11 27.81 1.74
N GLU B 273 13.88 27.43 2.99
CA GLU B 273 14.98 27.11 3.89
C GLU B 273 15.79 25.96 3.29
N ARG B 274 15.08 24.96 2.77
CA ARG B 274 15.70 23.78 2.15
C ARG B 274 16.42 24.11 0.84
N GLY B 275 15.90 25.07 0.09
CA GLY B 275 16.51 25.49 -1.16
C GLY B 275 16.42 24.48 -2.29
N THR B 276 15.42 23.61 -2.22
CA THR B 276 15.27 22.57 -3.23
C THR B 276 14.24 22.93 -4.27
N ALA B 277 14.14 22.07 -5.30
CA ALA B 277 13.15 22.24 -6.34
C ALA B 277 12.02 21.28 -5.96
N VAL B 278 10.86 21.85 -5.65
CA VAL B 278 9.70 21.04 -5.26
C VAL B 278 8.62 21.30 -6.29
N PHE B 279 8.14 20.23 -6.92
CA PHE B 279 7.10 20.36 -7.92
C PHE B 279 6.25 19.10 -7.99
N ALA B 280 5.19 19.15 -8.77
CA ALA B 280 4.32 18.00 -8.88
C ALA B 280 3.79 17.85 -10.29
N VAL B 281 3.51 16.61 -10.66
CA VAL B 281 2.93 16.34 -11.96
C VAL B 281 1.46 16.11 -11.60
N LYS B 282 0.59 16.88 -12.22
CA LYS B 282 -0.85 16.79 -11.97
C LYS B 282 -1.53 16.33 -13.24
N PHE B 283 -2.50 15.44 -13.10
CA PHE B 283 -3.24 14.92 -14.23
C PHE B 283 -4.56 14.41 -13.69
N ARG B 284 -5.47 13.99 -14.57
CA ARG B 284 -6.76 13.51 -14.10
C ARG B 284 -6.76 12.06 -13.66
N LYS B 285 -7.39 11.81 -12.52
CA LYS B 285 -7.46 10.48 -11.93
C LYS B 285 -8.23 9.50 -12.80
N PRO B 286 -7.58 8.40 -13.21
CA PRO B 286 -8.27 7.42 -14.04
C PRO B 286 -9.41 6.85 -13.19
N ASP B 287 -10.51 6.46 -13.81
CA ASP B 287 -11.63 5.88 -13.06
C ASP B 287 -11.42 4.36 -12.92
N ILE B 288 -10.51 4.00 -12.02
CA ILE B 288 -10.19 2.60 -11.76
C ILE B 288 -10.08 2.39 -10.25
N VAL B 289 -10.06 1.13 -9.83
CA VAL B 289 -10.01 0.79 -8.40
C VAL B 289 -8.66 1.05 -7.75
N ASP B 290 -8.71 1.38 -6.46
CA ASP B 290 -7.50 1.65 -5.68
C ASP B 290 -6.37 0.65 -5.97
N ASP B 291 -6.71 -0.63 -6.02
CA ASP B 291 -5.69 -1.67 -6.25
C ASP B 291 -5.09 -1.63 -7.63
N ASN B 292 -5.70 -0.81 -8.50
CA ASN B 292 -5.18 -0.65 -9.85
C ASN B 292 -4.43 0.68 -9.91
N LEU B 293 -5.03 1.69 -9.30
CA LEU B 293 -4.44 3.02 -9.28
C LEU B 293 -3.05 3.09 -8.64
N TYR B 294 -2.99 2.95 -7.32
CA TYR B 294 -1.74 3.03 -6.57
C TYR B 294 -0.49 2.33 -7.12
N PRO B 295 -0.64 1.10 -7.61
CA PRO B 295 0.57 0.46 -8.14
C PRO B 295 1.06 1.24 -9.38
N GLN B 296 0.12 1.86 -10.08
CA GLN B 296 0.42 2.66 -11.26
C GLN B 296 1.04 3.99 -10.86
N LEU B 297 0.48 4.64 -9.84
CA LEU B 297 1.04 5.90 -9.34
C LEU B 297 2.46 5.60 -8.85
N GLU B 298 2.65 4.41 -8.29
CA GLU B 298 3.95 3.96 -7.78
C GLU B 298 4.96 3.81 -8.92
N ARG B 299 4.52 3.18 -10.01
CA ARG B 299 5.40 3.00 -11.14
C ARG B 299 5.77 4.37 -11.71
N ALA B 300 4.75 5.14 -12.08
CA ALA B 300 4.95 6.46 -12.64
C ALA B 300 5.94 7.26 -11.82
N SER B 301 5.61 7.42 -10.54
CA SER B 301 6.44 8.15 -9.60
C SER B 301 7.90 7.66 -9.62
N ARG B 302 8.08 6.34 -9.71
CA ARG B 302 9.42 5.76 -9.73
C ARG B 302 10.12 6.03 -11.05
N LYS B 303 9.41 5.83 -12.16
CA LYS B 303 9.99 6.04 -13.47
C LYS B 303 10.48 7.47 -13.62
N ILE B 304 9.72 8.43 -13.11
CA ILE B 304 10.16 9.81 -13.20
C ILE B 304 11.35 10.06 -12.26
N PHE B 305 11.30 9.49 -11.06
CA PHE B 305 12.39 9.65 -10.10
C PHE B 305 13.70 9.19 -10.74
N GLU B 306 13.67 8.02 -11.35
CA GLU B 306 14.86 7.46 -11.98
C GLU B 306 15.35 8.38 -13.08
N PHE B 307 14.41 9.02 -13.79
CA PHE B 307 14.78 9.95 -14.84
C PHE B 307 15.53 11.11 -14.19
N LEU B 308 14.97 11.64 -13.12
CA LEU B 308 15.60 12.75 -12.43
C LEU B 308 16.99 12.39 -11.89
N GLU B 309 17.22 11.13 -11.52
CA GLU B 309 18.55 10.84 -11.01
C GLU B 309 19.60 10.57 -12.07
N ARG B 310 19.23 9.97 -13.20
CA ARG B 310 20.25 9.73 -14.22
C ARG B 310 20.55 11.02 -14.96
N GLU B 311 19.69 12.00 -14.74
CA GLU B 311 19.80 13.30 -15.39
C GLU B 311 20.50 14.31 -14.47
N ASN B 312 20.97 13.82 -13.33
CA ASN B 312 21.71 14.63 -12.37
C ASN B 312 20.99 15.76 -11.63
N PHE B 313 19.69 15.63 -11.44
CA PHE B 313 18.98 16.67 -10.70
C PHE B 313 18.98 16.35 -9.21
N MET B 314 19.58 15.21 -8.88
CA MET B 314 19.71 14.76 -7.48
C MET B 314 18.38 14.73 -6.74
N PRO B 315 17.47 13.84 -7.16
CA PRO B 315 16.16 13.74 -6.51
C PRO B 315 16.35 13.31 -5.06
N LEU B 316 15.56 13.86 -4.16
CA LEU B 316 15.65 13.48 -2.76
C LEU B 316 14.66 12.34 -2.51
N ARG B 317 13.37 12.63 -2.62
CA ARG B 317 12.37 11.60 -2.44
C ARG B 317 11.20 11.91 -3.34
N SER B 318 10.28 10.95 -3.46
CA SER B 318 9.10 11.15 -4.27
C SER B 318 7.89 10.74 -3.46
N ALA B 319 6.72 11.20 -3.89
CA ALA B 319 5.49 10.85 -3.20
C ALA B 319 4.37 11.01 -4.21
N PHE B 320 3.15 10.72 -3.80
CA PHE B 320 2.03 10.85 -4.71
C PHE B 320 0.72 10.98 -3.94
N LYS B 321 -0.29 11.54 -4.58
CA LYS B 321 -1.57 11.73 -3.91
C LYS B 321 -2.72 11.66 -4.89
N ALA B 322 -3.77 10.94 -4.52
CA ALA B 322 -4.92 10.82 -5.38
C ALA B 322 -6.13 11.45 -4.70
N SER B 323 -6.74 12.41 -5.37
CA SER B 323 -7.93 13.08 -4.86
C SER B 323 -9.13 12.55 -5.64
N GLU B 324 -10.28 13.17 -5.47
CA GLU B 324 -11.49 12.71 -6.17
C GLU B 324 -11.37 12.81 -7.68
N GLU B 325 -10.82 13.92 -8.16
CA GLU B 325 -10.69 14.14 -9.59
C GLU B 325 -9.28 14.17 -10.17
N PHE B 326 -8.28 14.43 -9.35
CA PHE B 326 -6.89 14.48 -9.85
C PHE B 326 -5.90 13.62 -9.08
N CYS B 327 -4.72 13.44 -9.66
CA CYS B 327 -3.63 12.72 -9.03
C CYS B 327 -2.42 13.63 -9.04
N TYR B 328 -1.49 13.40 -8.12
CA TYR B 328 -0.29 14.23 -8.03
C TYR B 328 0.95 13.39 -7.78
N LEU B 329 1.98 13.61 -8.59
CA LEU B 329 3.25 12.93 -8.40
C LEU B 329 4.15 14.07 -7.90
N LEU B 330 4.64 13.92 -6.67
CA LEU B 330 5.48 14.92 -6.01
C LEU B 330 6.97 14.58 -6.05
N PHE B 331 7.80 15.60 -6.21
CA PHE B 331 9.24 15.41 -6.28
C PHE B 331 9.96 16.58 -5.63
N GLU B 332 11.19 16.33 -5.22
CA GLU B 332 12.05 17.32 -4.60
C GLU B 332 13.47 17.00 -5.05
N CYS B 333 14.15 17.98 -5.64
CA CYS B 333 15.51 17.78 -6.10
C CYS B 333 16.44 18.81 -5.48
N GLN B 334 17.71 18.46 -5.33
CA GLN B 334 18.67 19.40 -4.76
C GLN B 334 19.12 20.40 -5.82
N ILE B 335 18.93 20.04 -7.08
CA ILE B 335 19.34 20.89 -8.19
C ILE B 335 18.18 21.61 -8.86
N LYS B 336 18.05 22.91 -8.62
CA LYS B 336 16.98 23.71 -9.21
C LYS B 336 17.36 24.08 -10.63
N GLU B 337 18.65 24.05 -10.93
CA GLU B 337 19.10 24.41 -12.26
C GLU B 337 20.54 23.94 -12.46
N ILE B 338 20.79 23.31 -13.60
CA ILE B 338 22.13 22.82 -13.87
C ILE B 338 22.65 23.52 -15.13
N SER B 339 23.96 23.44 -15.35
CA SER B 339 24.55 24.10 -16.51
C SER B 339 24.03 23.42 -17.75
N ARG B 340 24.25 24.07 -18.89
CA ARG B 340 23.83 23.55 -20.17
C ARG B 340 24.86 22.52 -20.62
N VAL B 341 26.13 22.79 -20.34
CA VAL B 341 27.22 21.88 -20.73
C VAL B 341 27.48 20.79 -19.71
N PHE B 342 28.09 19.72 -20.20
CA PHE B 342 28.48 18.58 -19.38
C PHE B 342 29.50 17.79 -20.20
N ARG B 343 30.23 16.90 -19.54
CA ARG B 343 31.23 16.12 -20.23
C ARG B 343 30.74 14.70 -20.46
N ARG B 344 31.04 14.19 -21.64
CA ARG B 344 30.66 12.84 -22.01
C ARG B 344 31.95 12.06 -22.24
N MET B 345 32.07 10.95 -21.53
CA MET B 345 33.26 10.11 -21.62
C MET B 345 33.48 9.54 -23.01
N GLY B 346 34.70 9.65 -23.50
CA GLY B 346 35.03 9.14 -24.82
C GLY B 346 36.00 7.98 -24.72
N PRO B 347 36.50 7.49 -25.86
CA PRO B 347 37.46 6.38 -25.93
C PRO B 347 38.84 6.72 -25.38
N GLN B 348 39.67 5.70 -25.19
CA GLN B 348 41.02 5.93 -24.70
C GLN B 348 41.84 6.33 -25.92
N PHE B 349 42.81 7.22 -25.72
CA PHE B 349 43.62 7.70 -26.85
C PHE B 349 44.20 6.55 -27.68
N GLU B 350 44.30 5.39 -27.06
CA GLU B 350 44.84 4.19 -27.68
C GLU B 350 44.29 3.83 -29.07
N ASP B 351 43.03 3.41 -29.15
CA ASP B 351 42.47 3.01 -30.44
C ASP B 351 41.97 4.18 -31.26
N GLU B 352 42.68 4.49 -32.34
CA GLU B 352 42.31 5.63 -33.16
C GLU B 352 41.00 5.45 -33.90
N ARG B 353 40.66 4.21 -34.23
CA ARG B 353 39.42 3.98 -34.95
C ARG B 353 38.25 4.67 -34.25
N ASN B 354 38.07 4.41 -32.97
CA ASN B 354 36.97 5.03 -32.23
C ASN B 354 37.24 6.49 -31.90
N VAL B 355 38.51 6.86 -31.77
CA VAL B 355 38.80 8.24 -31.48
C VAL B 355 38.26 9.05 -32.64
N LYS B 356 38.52 8.60 -33.87
CA LYS B 356 38.01 9.31 -35.05
C LYS B 356 36.49 9.44 -35.00
N LYS B 357 35.79 8.31 -34.93
CA LYS B 357 34.34 8.34 -34.89
C LYS B 357 33.86 9.28 -33.79
N PHE B 358 34.63 9.37 -32.72
CA PHE B 358 34.26 10.23 -31.60
C PHE B 358 34.45 11.71 -31.93
N LEU B 359 35.51 12.00 -32.68
CA LEU B 359 35.82 13.36 -33.06
C LEU B 359 35.12 13.75 -34.35
N SER B 360 34.59 12.77 -35.05
CA SER B 360 33.90 13.04 -36.31
C SER B 360 32.60 13.77 -36.01
N ARG B 361 32.15 13.70 -34.77
CA ARG B 361 30.89 14.33 -34.40
C ARG B 361 30.88 15.86 -34.38
N ASN B 362 29.72 16.39 -34.77
CA ASN B 362 29.49 17.83 -34.84
C ASN B 362 29.34 18.35 -33.42
N ARG B 363 30.35 19.04 -32.89
CA ARG B 363 30.25 19.56 -31.52
C ARG B 363 30.61 21.02 -31.42
N ALA B 364 29.95 21.72 -30.51
CA ALA B 364 30.17 23.14 -30.31
C ALA B 364 31.46 23.51 -29.59
N PHE B 365 32.08 22.58 -28.87
CA PHE B 365 33.27 22.93 -28.13
C PHE B 365 34.61 22.23 -28.29
N ARG B 366 34.71 21.18 -29.07
CA ARG B 366 36.03 20.55 -29.22
C ARG B 366 36.43 19.74 -27.98
N PRO B 367 36.46 18.41 -28.13
CA PRO B 367 36.82 17.49 -27.04
C PRO B 367 38.27 17.66 -26.62
N PHE B 368 38.61 17.06 -25.49
CA PHE B 368 39.96 17.15 -24.95
C PHE B 368 40.35 15.81 -24.37
N ILE B 369 41.61 15.70 -23.97
CA ILE B 369 42.17 14.49 -23.37
C ILE B 369 42.39 14.73 -21.88
N GLU B 370 42.08 13.72 -21.07
CA GLU B 370 42.24 13.82 -19.63
C GLU B 370 42.54 12.42 -19.13
N ASN B 371 43.66 12.26 -18.46
CA ASN B 371 44.10 10.98 -17.93
C ASN B 371 44.00 9.82 -18.93
N GLY B 372 44.54 10.02 -20.12
CA GLY B 372 44.54 8.95 -21.09
C GLY B 372 43.36 8.78 -22.02
N ARG B 373 42.27 9.49 -21.79
CA ARG B 373 41.14 9.34 -22.70
C ARG B 373 40.45 10.63 -23.10
N TRP B 374 39.75 10.54 -24.21
CA TRP B 374 39.05 11.68 -24.76
C TRP B 374 37.72 11.94 -24.06
N TRP B 375 37.37 13.21 -23.97
CA TRP B 375 36.12 13.63 -23.35
C TRP B 375 35.57 14.71 -24.23
N ALA B 376 34.24 14.85 -24.22
CA ALA B 376 33.61 15.89 -25.02
C ALA B 376 32.65 16.70 -24.18
N PHE B 377 32.52 17.97 -24.53
CA PHE B 377 31.58 18.87 -23.87
C PHE B 377 30.31 18.73 -24.70
N GLU B 378 29.22 18.40 -24.06
CA GLU B 378 27.96 18.22 -24.76
C GLU B 378 26.97 19.26 -24.26
N MET B 379 25.85 19.40 -24.96
CA MET B 379 24.84 20.37 -24.57
C MET B 379 23.47 19.74 -24.25
N ARG B 380 22.98 20.00 -23.05
CA ARG B 380 21.69 19.48 -22.59
C ARG B 380 20.51 20.14 -23.31
N LYS B 381 19.40 19.42 -23.38
CA LYS B 381 18.19 19.92 -24.02
C LYS B 381 17.32 20.65 -22.99
N PHE B 382 17.62 20.49 -21.71
CA PHE B 382 16.90 21.16 -20.63
C PHE B 382 17.83 21.42 -19.45
N THR B 383 17.48 22.37 -18.58
CA THR B 383 18.34 22.69 -17.45
C THR B 383 17.67 22.69 -16.08
N THR B 384 16.41 22.31 -16.02
CA THR B 384 15.73 22.25 -14.73
C THR B 384 14.93 20.97 -14.67
N PRO B 385 14.66 20.47 -13.46
CA PRO B 385 13.89 19.24 -13.21
C PRO B 385 12.51 19.31 -13.89
N GLU B 386 11.84 20.44 -13.73
CA GLU B 386 10.53 20.65 -14.33
C GLU B 386 10.59 20.51 -15.84
N GLU B 387 11.54 21.20 -16.47
CA GLU B 387 11.72 21.12 -17.92
C GLU B 387 11.96 19.67 -18.29
N GLY B 388 12.77 18.98 -17.48
CA GLY B 388 13.08 17.59 -17.77
C GLY B 388 11.85 16.73 -17.62
N VAL B 389 11.12 16.90 -16.54
CA VAL B 389 9.92 16.10 -16.33
C VAL B 389 8.92 16.39 -17.44
N ARG B 390 8.76 17.66 -17.78
CA ARG B 390 7.81 18.04 -18.83
C ARG B 390 8.11 17.28 -20.11
N SER B 391 9.38 17.17 -20.42
CA SER B 391 9.80 16.49 -21.64
C SER B 391 9.53 15.01 -21.56
N TYR B 392 10.08 14.39 -20.51
CA TYR B 392 9.93 12.96 -20.27
C TYR B 392 8.46 12.50 -20.23
N ALA B 393 7.65 13.24 -19.46
CA ALA B 393 6.24 12.91 -19.31
C ALA B 393 5.47 13.06 -20.61
N SER B 394 5.92 13.95 -21.48
CA SER B 394 5.23 14.15 -22.74
C SER B 394 5.58 13.04 -23.73
N THR B 395 6.80 12.56 -23.68
CA THR B 395 7.23 11.51 -24.60
C THR B 395 7.21 10.07 -24.09
N HIS B 396 7.35 9.89 -22.77
CA HIS B 396 7.38 8.57 -22.17
C HIS B 396 6.14 8.25 -21.33
N TRP B 397 5.00 8.81 -21.72
CA TRP B 397 3.77 8.59 -20.96
C TRP B 397 3.37 7.12 -20.96
N HIS B 398 3.67 6.41 -22.04
CA HIS B 398 3.27 5.01 -22.11
C HIS B 398 3.94 4.10 -21.10
N THR B 399 4.97 4.58 -20.42
CA THR B 399 5.62 3.72 -19.45
C THR B 399 5.29 4.18 -18.03
N LEU B 400 4.30 5.03 -17.88
CA LEU B 400 3.96 5.53 -16.56
C LEU B 400 2.72 4.86 -16.01
N GLY B 401 2.53 3.58 -16.33
CA GLY B 401 1.37 2.87 -15.87
C GLY B 401 0.26 2.92 -16.91
N LYS B 402 -0.31 1.76 -17.25
CA LYS B 402 -1.38 1.64 -18.24
C LYS B 402 -2.38 2.79 -18.27
N ASN B 403 -3.15 2.95 -17.20
CA ASN B 403 -4.16 3.99 -17.14
C ASN B 403 -3.61 5.37 -16.75
N VAL B 404 -2.65 5.38 -15.82
CA VAL B 404 -2.05 6.64 -15.39
C VAL B 404 -1.35 7.26 -16.59
N GLY B 405 -0.69 6.42 -17.39
CA GLY B 405 0.00 6.90 -18.57
C GLY B 405 -0.94 7.47 -19.61
N GLU B 406 -1.96 6.71 -20.00
CA GLU B 406 -2.91 7.18 -20.98
C GLU B 406 -3.54 8.49 -20.53
N SER B 407 -3.70 8.68 -19.23
CA SER B 407 -4.30 9.91 -18.72
C SER B 407 -3.33 11.09 -18.83
N ILE B 408 -2.06 10.85 -18.52
CA ILE B 408 -1.04 11.88 -18.61
C ILE B 408 -0.88 12.27 -20.09
N ARG B 409 -1.15 11.33 -20.98
CA ARG B 409 -1.04 11.56 -22.42
C ARG B 409 -2.09 12.58 -22.87
N GLU B 410 -3.31 12.45 -22.38
CA GLU B 410 -4.32 13.39 -22.79
C GLU B 410 -4.21 14.71 -22.05
N TYR B 411 -3.49 14.72 -20.94
CA TYR B 411 -3.33 15.96 -20.17
C TYR B 411 -2.57 15.82 -18.87
N PHE B 412 -1.73 16.82 -18.59
CA PHE B 412 -0.96 16.90 -17.37
C PHE B 412 -0.26 18.26 -17.35
N GLU B 413 0.12 18.70 -16.15
CA GLU B 413 0.83 19.95 -16.00
C GLU B 413 1.77 19.86 -14.79
N ILE B 414 2.79 20.69 -14.78
CA ILE B 414 3.74 20.69 -13.68
C ILE B 414 3.51 21.89 -12.81
N ILE B 415 3.13 21.65 -11.55
CA ILE B 415 2.85 22.70 -10.57
C ILE B 415 4.01 22.87 -9.59
N SER B 416 4.29 24.12 -9.22
CA SER B 416 5.35 24.43 -8.25
C SER B 416 5.06 25.78 -7.59
N GLY B 417 5.82 26.09 -6.55
CA GLY B 417 5.63 27.36 -5.86
C GLY B 417 4.33 27.51 -5.09
N GLU B 418 3.96 28.76 -4.84
CA GLU B 418 2.74 29.11 -4.11
C GLU B 418 1.54 28.40 -4.72
N LYS B 419 1.55 28.29 -6.04
CA LYS B 419 0.47 27.66 -6.78
C LYS B 419 0.39 26.15 -6.51
N LEU B 420 1.40 25.60 -5.84
CA LEU B 420 1.42 24.18 -5.53
C LEU B 420 0.97 23.94 -4.11
N PHE B 421 1.25 24.89 -3.23
CA PHE B 421 0.87 24.75 -1.83
C PHE B 421 -0.62 24.91 -1.64
N LYS B 422 -1.32 25.31 -2.70
CA LYS B 422 -2.76 25.48 -2.65
C LYS B 422 -3.45 24.16 -3.05
N GLU B 423 -2.69 23.24 -3.63
CA GLU B 423 -3.25 21.94 -4.01
C GLU B 423 -3.42 21.12 -2.73
N PRO B 424 -4.20 20.04 -2.79
CA PRO B 424 -4.44 19.21 -1.61
C PRO B 424 -3.33 18.15 -1.43
N VAL B 425 -2.11 18.61 -1.22
CA VAL B 425 -0.97 17.70 -1.08
C VAL B 425 0.00 18.10 0.03
N THR B 426 -0.39 19.08 0.85
CA THR B 426 0.47 19.57 1.91
C THR B 426 0.89 18.48 2.89
N ALA B 427 -0.02 17.56 3.20
CA ALA B 427 0.34 16.50 4.12
C ALA B 427 1.45 15.63 3.51
N GLU B 428 1.28 15.25 2.25
CA GLU B 428 2.28 14.43 1.58
C GLU B 428 3.62 15.16 1.47
N LEU B 429 3.60 16.47 1.27
CA LEU B 429 4.85 17.23 1.16
C LEU B 429 5.59 17.28 2.49
N CYS B 430 4.84 17.44 3.58
CA CYS B 430 5.45 17.49 4.90
C CYS B 430 6.07 16.15 5.25
N GLU B 431 5.31 15.07 5.02
CA GLU B 431 5.79 13.72 5.30
C GLU B 431 7.02 13.42 4.45
N MET B 432 7.01 13.91 3.22
CA MET B 432 8.09 13.70 2.27
C MET B 432 9.37 14.47 2.62
N MET B 433 9.21 15.60 3.32
CA MET B 433 10.35 16.42 3.69
C MET B 433 10.74 16.25 5.14
N GLY B 434 9.95 15.47 5.87
CA GLY B 434 10.24 15.25 7.27
C GLY B 434 9.93 16.45 8.13
N VAL B 435 9.04 17.32 7.66
CA VAL B 435 8.69 18.49 8.45
C VAL B 435 8.11 17.96 9.76
N LYS B 436 8.48 18.54 10.89
CA LYS B 436 7.91 18.05 12.15
C LYS B 436 6.99 19.03 12.83
N ASP B 437 6.43 18.59 13.96
CA ASP B 437 5.46 19.32 14.79
C ASP B 437 4.15 18.52 14.83
#